data_2P98
#
_entry.id   2P98
#
_cell.length_a   38.190
_cell.length_b   60.270
_cell.length_c   50.610
_cell.angle_alpha   90.00
_cell.angle_beta   104.59
_cell.angle_gamma   90.00
#
_symmetry.space_group_name_H-M   'P 1 21 1'
#
loop_
_entity.id
_entity.type
_entity.pdbx_description
1 polymer 'Methionine aminopeptidase'
2 non-polymer 'MANGANESE (II) ION'
3 non-polymer 'SODIUM ION'
4 non-polymer IMIDAZO[2,1-A]ISOQUINOLINE-2-CARBOHYDRAZIDE
5 water water
#
_entity_poly.entity_id   1
_entity_poly.type   'polypeptide(L)'
_entity_poly.pdbx_seq_one_letter_code
;AISIKTPEDIEKMRVAGRLAAEVLEMIEPYVKPGVSTGELDRICNDYIVNEQHAVSACLGYHGYPKSVCISINEVVCHGI
PDDAKLLKDGDIVNIDVTVIKDGFHGDTSKMFIVGKPTIMGERLCRITQESLYLALRMVKPGINLREIGAAIQKFVEAEG
FSVVREYCGHGIGRGFHEEPQVLHYDSRETNVVLKPGMTFTIEPMVNAGKKEIRTMKDGWTVKTKDRSLSAQYEHTIVVT
DNGCEILTLRKDDTIPAIISHD
;
_entity_poly.pdbx_strand_id   A
#
# COMPACT_ATOMS: atom_id res chain seq x y z
N ALA A 1 -18.81 3.26 -14.08
CA ALA A 1 -17.87 2.42 -14.90
C ALA A 1 -16.42 2.69 -14.50
N ILE A 2 -15.48 2.07 -15.20
CA ILE A 2 -14.06 2.25 -14.93
C ILE A 2 -13.56 3.37 -15.84
N SER A 3 -12.79 4.29 -15.26
CA SER A 3 -12.27 5.41 -16.03
C SER A 3 -10.89 5.15 -16.63
N ILE A 4 -10.72 5.61 -17.86
CA ILE A 4 -9.45 5.49 -18.56
C ILE A 4 -8.88 6.91 -18.50
N LYS A 5 -7.84 7.09 -17.69
CA LYS A 5 -7.24 8.40 -17.54
C LYS A 5 -6.65 8.92 -18.84
N THR A 6 -6.71 10.24 -19.02
CA THR A 6 -6.17 10.88 -20.20
C THR A 6 -4.68 11.11 -19.99
N PRO A 7 -3.94 11.38 -21.08
CA PRO A 7 -2.49 11.62 -20.96
C PRO A 7 -2.20 12.71 -19.93
N GLU A 8 -3.03 13.74 -19.90
CA GLU A 8 -2.86 14.84 -18.96
C GLU A 8 -3.15 14.36 -17.55
N ASP A 9 -4.25 13.61 -17.40
CA ASP A 9 -4.63 13.09 -16.09
C ASP A 9 -3.55 12.15 -15.56
N ILE A 10 -2.99 11.35 -16.44
CA ILE A 10 -1.94 10.42 -16.06
C ILE A 10 -0.71 11.17 -15.59
N GLU A 11 -0.39 12.29 -16.24
CA GLU A 11 0.76 13.07 -15.85
C GLU A 11 0.56 13.60 -14.43
N LYS A 12 -0.67 13.98 -14.10
CA LYS A 12 -0.98 14.49 -12.78
C LYS A 12 -0.86 13.36 -11.74
N MET A 13 -1.16 12.14 -12.17
CA MET A 13 -1.05 10.99 -11.28
C MET A 13 0.42 10.69 -11.04
N ARG A 14 1.26 10.98 -12.04
CA ARG A 14 2.70 10.76 -11.89
C ARG A 14 3.21 11.67 -10.79
N VAL A 15 2.77 12.93 -10.82
CA VAL A 15 3.19 13.90 -9.83
C VAL A 15 2.73 13.48 -8.43
N ALA A 16 1.45 13.15 -8.30
CA ALA A 16 0.89 12.74 -7.03
C ALA A 16 1.56 11.45 -6.52
N GLY A 17 1.81 10.52 -7.43
CA GLY A 17 2.45 9.26 -7.05
C GLY A 17 3.86 9.49 -6.55
N ARG A 18 4.60 10.36 -7.24
CA ARG A 18 5.96 10.66 -6.84
C ARG A 18 5.98 11.27 -5.44
N LEU A 19 5.08 12.21 -5.18
CA LEU A 19 5.02 12.85 -3.87
C LEU A 19 4.74 11.85 -2.76
N ALA A 20 3.81 10.92 -3.01
CA ALA A 20 3.48 9.91 -2.02
C ALA A 20 4.73 9.06 -1.72
N ALA A 21 5.41 8.66 -2.78
CA ALA A 21 6.62 7.85 -2.65
C ALA A 21 7.70 8.60 -1.89
N GLU A 22 7.82 9.89 -2.15
CA GLU A 22 8.85 10.69 -1.49
C GLU A 22 8.59 10.90 0.00
N VAL A 23 7.34 10.77 0.41
CA VAL A 23 7.04 10.90 1.84
C VAL A 23 7.67 9.71 2.54
N LEU A 24 7.57 8.54 1.90
CA LEU A 24 8.13 7.32 2.47
C LEU A 24 9.65 7.38 2.48
N GLU A 25 10.24 7.92 1.41
CA GLU A 25 11.69 8.05 1.36
C GLU A 25 12.16 9.03 2.44
N MET A 26 11.38 10.09 2.62
CA MET A 26 11.71 11.12 3.61
C MET A 26 11.66 10.63 5.06
N ILE A 27 10.63 9.86 5.40
CA ILE A 27 10.46 9.39 6.76
C ILE A 27 11.40 8.27 7.22
N GLU A 28 11.91 7.50 6.27
CA GLU A 28 12.77 6.37 6.62
C GLU A 28 13.78 6.58 7.75
N PRO A 29 14.57 7.66 7.70
CA PRO A 29 15.57 7.94 8.74
C PRO A 29 14.99 8.09 10.14
N TYR A 30 13.73 8.50 10.21
CA TYR A 30 13.07 8.71 11.50
C TYR A 30 12.49 7.43 12.10
N VAL A 31 12.38 6.37 11.30
CA VAL A 31 11.83 5.12 11.79
C VAL A 31 12.91 4.30 12.50
N LYS A 32 13.06 4.59 13.78
CA LYS A 32 14.06 3.92 14.61
C LYS A 32 13.51 3.66 16.00
N PRO A 33 14.16 2.78 16.76
CA PRO A 33 13.69 2.48 18.12
C PRO A 33 13.56 3.75 18.95
N GLY A 34 12.47 3.88 19.69
CA GLY A 34 12.28 5.04 20.53
C GLY A 34 11.30 6.11 20.07
N VAL A 35 11.15 6.25 18.76
CA VAL A 35 10.24 7.27 18.22
C VAL A 35 8.78 6.84 18.36
N SER A 36 7.88 7.81 18.50
CA SER A 36 6.46 7.49 18.63
C SER A 36 5.79 7.58 17.27
N THR A 37 4.75 6.79 17.06
CA THR A 37 4.06 6.82 15.78
C THR A 37 3.41 8.20 15.62
N GLY A 38 3.10 8.83 16.75
CA GLY A 38 2.49 10.15 16.70
C GLY A 38 3.42 11.19 16.10
N GLU A 39 4.68 11.16 16.49
CA GLU A 39 5.61 12.13 15.92
C GLU A 39 5.83 11.83 14.45
N LEU A 40 5.95 10.55 14.09
CA LEU A 40 6.14 10.18 12.70
C LEU A 40 5.03 10.77 11.85
N ASP A 41 3.80 10.75 12.37
CA ASP A 41 2.66 11.30 11.65
C ASP A 41 2.81 12.81 11.43
N ARG A 42 3.24 13.51 12.48
CA ARG A 42 3.43 14.95 12.40
C ARG A 42 4.46 15.29 11.34
N ILE A 43 5.56 14.57 11.35
CA ILE A 43 6.64 14.78 10.40
C ILE A 43 6.14 14.59 8.98
N CYS A 44 5.37 13.52 8.74
CA CYS A 44 4.85 13.28 7.40
C CYS A 44 3.91 14.42 7.00
N ASN A 45 3.02 14.80 7.90
CA ASN A 45 2.09 15.87 7.58
C ASN A 45 2.76 17.20 7.26
N ASP A 46 3.73 17.60 8.07
CA ASP A 46 4.45 18.86 7.84
C ASP A 46 5.13 18.84 6.48
N TYR A 47 5.70 17.69 6.12
CA TYR A 47 6.39 17.54 4.85
C TYR A 47 5.43 17.68 3.67
N ILE A 48 4.28 17.03 3.77
CA ILE A 48 3.27 17.05 2.72
C ILE A 48 2.70 18.45 2.49
N VAL A 49 2.28 19.10 3.57
CA VAL A 49 1.69 20.44 3.48
C VAL A 49 2.69 21.55 3.19
N ASN A 50 3.72 21.67 4.02
CA ASN A 50 4.71 22.73 3.86
C ASN A 50 5.74 22.56 2.75
N GLU A 51 6.16 21.33 2.50
CA GLU A 51 7.17 21.09 1.46
C GLU A 51 6.64 20.68 0.09
N GLN A 52 5.74 19.70 0.05
CA GLN A 52 5.20 19.23 -1.22
C GLN A 52 4.03 20.10 -1.68
N HIS A 53 3.53 20.94 -0.78
CA HIS A 53 2.40 21.81 -1.09
C HIS A 53 1.23 20.97 -1.58
N ALA A 54 1.03 19.83 -0.92
CA ALA A 54 -0.05 18.91 -1.24
C ALA A 54 -0.87 18.72 0.03
N VAL A 55 -1.73 17.72 0.05
CA VAL A 55 -2.55 17.45 1.21
C VAL A 55 -2.71 15.95 1.46
N SER A 56 -2.80 15.56 2.72
CA SER A 56 -2.99 14.15 3.04
C SER A 56 -4.43 13.82 2.69
N ALA A 57 -4.61 12.81 1.84
CA ALA A 57 -5.94 12.40 1.44
C ALA A 57 -6.61 11.61 2.56
N CYS A 58 -5.79 11.05 3.44
CA CYS A 58 -6.30 10.25 4.54
C CYS A 58 -6.81 11.07 5.72
N LEU A 59 -6.15 12.18 6.00
CA LEU A 59 -6.56 13.02 7.10
C LEU A 59 -8.02 13.42 6.91
N GLY A 60 -8.87 12.88 7.79
CA GLY A 60 -10.29 13.18 7.74
C GLY A 60 -11.13 12.30 6.83
N TYR A 61 -10.47 11.42 6.07
CA TYR A 61 -11.19 10.55 5.15
C TYR A 61 -12.16 9.66 5.91
N HIS A 62 -13.44 9.86 5.66
CA HIS A 62 -14.48 9.12 6.35
C HIS A 62 -14.29 9.31 7.85
N GLY A 63 -13.70 10.45 8.23
CA GLY A 63 -13.49 10.74 9.64
C GLY A 63 -12.17 10.27 10.22
N TYR A 64 -11.26 9.77 9.38
CA TYR A 64 -9.96 9.31 9.90
C TYR A 64 -9.26 10.50 10.55
N PRO A 65 -8.78 10.33 11.78
CA PRO A 65 -8.08 11.34 12.58
C PRO A 65 -6.65 11.78 12.25
N LYS A 66 -5.88 10.93 11.57
CA LYS A 66 -4.50 11.29 11.28
C LYS A 66 -4.15 11.42 9.79
N SER A 67 -2.94 11.89 9.50
CA SER A 67 -2.49 12.10 8.13
C SER A 67 -1.99 10.86 7.42
N VAL A 68 -1.44 9.91 8.17
CA VAL A 68 -0.98 8.64 7.61
C VAL A 68 -1.39 7.51 8.55
N CYS A 69 -1.40 6.28 8.06
CA CYS A 69 -1.73 5.14 8.90
C CYS A 69 -0.41 4.50 9.25
N ILE A 70 -0.20 4.16 10.52
CA ILE A 70 1.02 3.49 10.91
C ILE A 70 0.60 2.24 11.66
N SER A 71 0.93 1.09 11.09
CA SER A 71 0.57 -0.20 11.66
C SER A 71 1.82 -0.98 12.08
N ILE A 72 1.83 -1.45 13.33
CA ILE A 72 2.96 -2.19 13.88
C ILE A 72 2.67 -3.66 14.19
N ASN A 73 3.59 -4.54 13.79
CA ASN A 73 3.49 -5.98 14.03
C ASN A 73 2.15 -6.67 13.75
N GLU A 74 1.36 -6.96 14.79
CA GLU A 74 0.09 -7.64 14.57
C GLU A 74 -1.04 -6.76 14.04
N VAL A 75 -0.80 -5.46 13.98
CA VAL A 75 -1.80 -4.53 13.46
C VAL A 75 -1.79 -4.66 11.94
N VAL A 76 -2.93 -5.01 11.35
CA VAL A 76 -3.00 -5.21 9.90
C VAL A 76 -3.04 -3.95 9.04
N CYS A 77 -3.84 -2.98 9.45
CA CYS A 77 -3.96 -1.74 8.70
C CYS A 77 -4.68 -0.68 9.51
N HIS A 78 -4.67 0.54 8.99
CA HIS A 78 -5.32 1.70 9.59
C HIS A 78 -4.90 2.05 11.01
N GLY A 79 -3.69 1.63 11.39
CA GLY A 79 -3.18 1.95 12.71
C GLY A 79 -3.17 3.46 12.90
N ILE A 80 -3.65 3.91 14.06
CA ILE A 80 -3.71 5.33 14.34
C ILE A 80 -2.48 5.87 15.04
N PRO A 81 -1.73 6.78 14.38
CA PRO A 81 -0.54 7.36 15.00
C PRO A 81 -0.89 7.85 16.40
N ASP A 82 -0.05 7.51 17.37
CA ASP A 82 -0.29 7.89 18.77
C ASP A 82 1.00 8.34 19.43
N ASP A 83 0.95 9.48 20.11
CA ASP A 83 2.12 10.03 20.78
C ASP A 83 2.71 9.05 21.81
N ALA A 84 1.88 8.17 22.33
CA ALA A 84 2.33 7.21 23.35
C ALA A 84 2.78 5.84 22.84
N LYS A 85 2.69 5.60 21.53
CA LYS A 85 3.12 4.31 21.00
C LYS A 85 4.53 4.43 20.44
N LEU A 86 5.48 3.79 21.11
CA LEU A 86 6.87 3.85 20.68
C LEU A 86 7.35 2.62 19.91
N LEU A 87 8.16 2.86 18.89
CA LEU A 87 8.71 1.77 18.10
C LEU A 87 9.80 1.14 18.93
N LYS A 88 9.98 -0.17 18.80
CA LYS A 88 11.00 -0.87 19.54
C LYS A 88 11.73 -1.84 18.66
N ASP A 89 12.90 -2.27 19.12
CA ASP A 89 13.75 -3.21 18.42
C ASP A 89 12.98 -4.43 17.93
N GLY A 90 13.16 -4.79 16.66
CA GLY A 90 12.49 -5.94 16.10
C GLY A 90 11.12 -5.71 15.49
N ASP A 91 10.53 -4.53 15.72
CA ASP A 91 9.21 -4.24 15.16
C ASP A 91 9.23 -4.15 13.64
N ILE A 92 8.10 -4.47 13.03
CA ILE A 92 7.93 -4.33 11.59
C ILE A 92 6.81 -3.30 11.54
N VAL A 93 6.98 -2.25 10.74
CA VAL A 93 6.01 -1.17 10.70
C VAL A 93 5.64 -0.75 9.30
N ASN A 94 4.34 -0.59 9.07
CA ASN A 94 3.89 -0.13 7.76
C ASN A 94 3.45 1.32 7.89
N ILE A 95 3.87 2.14 6.95
CA ILE A 95 3.43 3.52 6.93
C ILE A 95 2.70 3.63 5.60
N ASP A 96 1.42 3.93 5.70
CA ASP A 96 0.53 4.03 4.55
C ASP A 96 0.27 5.50 4.28
N VAL A 97 0.73 5.97 3.13
CA VAL A 97 0.60 7.36 2.72
C VAL A 97 -0.32 7.54 1.52
N THR A 98 -1.11 8.61 1.55
CA THR A 98 -1.98 8.93 0.43
C THR A 98 -1.99 10.45 0.34
N VAL A 99 -1.55 10.97 -0.80
CA VAL A 99 -1.51 12.42 -0.98
C VAL A 99 -2.38 12.85 -2.15
N ILE A 100 -2.92 14.07 -2.05
CA ILE A 100 -3.71 14.60 -3.13
C ILE A 100 -2.97 15.85 -3.61
N LYS A 101 -2.73 15.91 -4.91
CA LYS A 101 -2.03 17.03 -5.51
C LYS A 101 -2.70 17.34 -6.84
N ASP A 102 -3.10 18.60 -7.01
CA ASP A 102 -3.76 19.04 -8.22
C ASP A 102 -4.96 18.15 -8.54
N GLY A 103 -5.70 17.77 -7.51
CA GLY A 103 -6.88 16.95 -7.69
C GLY A 103 -6.69 15.44 -7.80
N PHE A 104 -5.45 14.97 -7.95
CA PHE A 104 -5.24 13.53 -8.06
C PHE A 104 -4.51 12.87 -6.89
N HIS A 105 -4.84 11.59 -6.67
CA HIS A 105 -4.28 10.81 -5.57
C HIS A 105 -3.08 9.93 -5.89
N GLY A 106 -2.18 9.83 -4.92
CA GLY A 106 -1.00 8.99 -5.02
C GLY A 106 -1.12 8.14 -3.77
N ASP A 107 -1.17 6.81 -3.93
CA ASP A 107 -1.37 5.91 -2.80
C ASP A 107 -0.28 4.84 -2.70
N THR A 108 0.45 4.82 -1.59
CA THR A 108 1.51 3.82 -1.46
C THR A 108 1.84 3.51 0.00
N SER A 109 2.53 2.40 0.23
CA SER A 109 2.93 2.04 1.59
C SER A 109 4.09 1.07 1.50
N LYS A 110 4.83 0.94 2.59
CA LYS A 110 5.94 0.00 2.64
C LYS A 110 6.18 -0.39 4.07
N MET A 111 6.96 -1.46 4.24
CA MET A 111 7.33 -1.96 5.55
C MET A 111 8.72 -1.44 5.90
N PHE A 112 8.92 -1.19 7.18
CA PHE A 112 10.20 -0.74 7.71
C PHE A 112 10.50 -1.72 8.85
N ILE A 113 11.75 -2.16 8.97
CA ILE A 113 12.09 -3.05 10.07
C ILE A 113 12.85 -2.19 11.07
N VAL A 114 12.43 -2.23 12.33
CA VAL A 114 13.05 -1.40 13.35
C VAL A 114 14.16 -2.07 14.13
N GLY A 115 15.28 -1.38 14.26
CA GLY A 115 16.42 -1.92 14.99
C GLY A 115 16.89 -3.23 14.41
N LYS A 116 17.18 -4.20 15.27
CA LYS A 116 17.63 -5.51 14.81
C LYS A 116 16.45 -6.30 14.27
N PRO A 117 16.48 -6.64 12.98
CA PRO A 117 15.39 -7.39 12.36
C PRO A 117 15.39 -8.85 12.77
N THR A 118 14.20 -9.41 12.93
CA THR A 118 14.07 -10.82 13.27
C THR A 118 13.96 -11.51 11.92
N ILE A 119 14.50 -12.71 11.82
CA ILE A 119 14.47 -13.44 10.56
C ILE A 119 13.05 -13.59 10.02
N MET A 120 12.09 -13.86 10.90
CA MET A 120 10.72 -14.04 10.46
C MET A 120 10.12 -12.72 9.97
N GLY A 121 10.35 -11.65 10.71
CA GLY A 121 9.83 -10.36 10.29
C GLY A 121 10.37 -10.01 8.92
N GLU A 122 11.66 -10.24 8.72
CA GLU A 122 12.31 -9.96 7.45
C GLU A 122 11.73 -10.82 6.34
N ARG A 123 11.38 -12.06 6.68
CA ARG A 123 10.82 -13.00 5.72
C ARG A 123 9.41 -12.57 5.29
N LEU A 124 8.56 -12.26 6.27
CA LEU A 124 7.18 -11.84 5.96
C LEU A 124 7.18 -10.60 5.08
N CYS A 125 8.02 -9.63 5.42
CA CYS A 125 8.08 -8.39 4.65
C CYS A 125 8.62 -8.64 3.24
N ARG A 126 9.66 -9.47 3.14
CA ARG A 126 10.25 -9.77 1.85
C ARG A 126 9.25 -10.46 0.93
N ILE A 127 8.56 -11.47 1.47
CA ILE A 127 7.57 -12.23 0.70
C ILE A 127 6.38 -11.37 0.31
N THR A 128 5.96 -10.49 1.22
CA THR A 128 4.84 -9.62 0.94
C THR A 128 5.16 -8.68 -0.21
N GLN A 129 6.36 -8.12 -0.19
CA GLN A 129 6.76 -7.22 -1.27
C GLN A 129 6.88 -8.02 -2.57
N GLU A 130 7.37 -9.25 -2.45
CA GLU A 130 7.52 -10.09 -3.63
C GLU A 130 6.16 -10.41 -4.25
N SER A 131 5.14 -10.57 -3.41
CA SER A 131 3.81 -10.86 -3.93
C SER A 131 3.28 -9.64 -4.68
N LEU A 132 3.65 -8.45 -4.22
CA LEU A 132 3.21 -7.23 -4.90
C LEU A 132 3.94 -7.17 -6.24
N TYR A 133 5.25 -7.44 -6.22
CA TYR A 133 6.07 -7.39 -7.43
C TYR A 133 5.61 -8.37 -8.49
N LEU A 134 5.34 -9.59 -8.06
CA LEU A 134 4.87 -10.66 -8.93
C LEU A 134 3.59 -10.20 -9.65
N ALA A 135 2.68 -9.60 -8.90
CA ALA A 135 1.41 -9.09 -9.41
C ALA A 135 1.66 -7.98 -10.43
N LEU A 136 2.56 -7.06 -10.10
CA LEU A 136 2.86 -5.95 -11.01
C LEU A 136 3.43 -6.46 -12.32
N ARG A 137 4.21 -7.54 -12.26
CA ARG A 137 4.82 -8.10 -13.46
C ARG A 137 3.78 -8.76 -14.38
N MET A 138 2.58 -8.96 -13.86
CA MET A 138 1.50 -9.57 -14.65
C MET A 138 0.60 -8.54 -15.32
N VAL A 139 0.63 -7.32 -14.82
CA VAL A 139 -0.23 -6.26 -15.34
C VAL A 139 -0.01 -5.82 -16.79
N LYS A 140 -1.06 -6.00 -17.59
CA LYS A 140 -1.07 -5.61 -19.00
C LYS A 140 -2.48 -5.78 -19.56
N PRO A 141 -2.80 -5.06 -20.64
CA PRO A 141 -4.14 -5.17 -21.24
C PRO A 141 -4.53 -6.61 -21.55
N GLY A 142 -5.80 -6.94 -21.33
CA GLY A 142 -6.27 -8.29 -21.63
C GLY A 142 -6.26 -9.27 -20.46
N ILE A 143 -5.46 -8.99 -19.44
CA ILE A 143 -5.38 -9.85 -18.28
C ILE A 143 -6.55 -9.54 -17.36
N ASN A 144 -7.06 -10.55 -16.66
CA ASN A 144 -8.18 -10.36 -15.75
C ASN A 144 -7.64 -10.19 -14.33
N LEU A 145 -8.23 -9.29 -13.54
CA LEU A 145 -7.76 -9.07 -12.18
C LEU A 145 -7.88 -10.35 -11.35
N ARG A 146 -8.81 -11.22 -11.73
CA ARG A 146 -8.98 -12.46 -10.99
C ARG A 146 -7.70 -13.27 -11.05
N GLU A 147 -7.03 -13.24 -12.21
CA GLU A 147 -5.78 -13.96 -12.39
C GLU A 147 -4.72 -13.44 -11.45
N ILE A 148 -4.59 -12.12 -11.38
CA ILE A 148 -3.59 -11.49 -10.52
C ILE A 148 -3.86 -11.80 -9.06
N GLY A 149 -5.12 -11.72 -8.65
CA GLY A 149 -5.47 -12.03 -7.27
C GLY A 149 -5.12 -13.48 -6.96
N ALA A 150 -5.42 -14.37 -7.90
CA ALA A 150 -5.14 -15.79 -7.72
C ALA A 150 -3.65 -16.06 -7.58
N ALA A 151 -2.84 -15.36 -8.38
CA ALA A 151 -1.39 -15.55 -8.33
C ALA A 151 -0.78 -15.08 -7.00
N ILE A 152 -1.26 -13.94 -6.50
CA ILE A 152 -0.78 -13.41 -5.22
C ILE A 152 -1.07 -14.42 -4.12
N GLN A 153 -2.32 -14.87 -4.05
CA GLN A 153 -2.73 -15.83 -3.04
C GLN A 153 -1.92 -17.12 -3.11
N LYS A 154 -1.76 -17.65 -4.31
CA LYS A 154 -1.02 -18.88 -4.48
C LYS A 154 0.40 -18.74 -3.96
N PHE A 155 1.06 -17.63 -4.30
CA PHE A 155 2.43 -17.39 -3.87
C PHE A 155 2.52 -17.24 -2.35
N VAL A 156 1.66 -16.41 -1.79
CA VAL A 156 1.64 -16.16 -0.36
C VAL A 156 1.39 -17.41 0.48
N GLU A 157 0.41 -18.21 0.08
CA GLU A 157 0.08 -19.41 0.83
C GLU A 157 1.15 -20.50 0.71
N ALA A 158 1.91 -20.48 -0.37
CA ALA A 158 2.97 -21.46 -0.55
C ALA A 158 4.04 -21.21 0.52
N GLU A 159 4.01 -20.02 1.10
CA GLU A 159 4.97 -19.65 2.15
C GLU A 159 4.41 -19.91 3.53
N GLY A 160 3.19 -20.43 3.59
CA GLY A 160 2.58 -20.70 4.88
C GLY A 160 1.84 -19.50 5.44
N PHE A 161 1.83 -18.41 4.68
CA PHE A 161 1.15 -17.19 5.11
C PHE A 161 -0.28 -17.14 4.56
N SER A 162 -1.03 -16.12 4.97
CA SER A 162 -2.41 -15.98 4.51
C SER A 162 -2.69 -14.56 4.02
N VAL A 163 -3.70 -14.43 3.17
CA VAL A 163 -4.07 -13.13 2.60
C VAL A 163 -5.34 -12.57 3.24
N VAL A 164 -5.25 -11.34 3.73
CA VAL A 164 -6.40 -10.70 4.33
C VAL A 164 -7.45 -10.46 3.25
N ARG A 165 -8.68 -10.85 3.56
CA ARG A 165 -9.78 -10.74 2.61
C ARG A 165 -10.58 -9.44 2.67
N GLU A 166 -10.72 -8.85 3.86
CA GLU A 166 -11.51 -7.64 4.03
C GLU A 166 -11.02 -6.37 3.35
N TYR A 167 -9.77 -6.35 2.93
CA TYR A 167 -9.24 -5.16 2.28
C TYR A 167 -8.65 -5.49 0.93
N CYS A 168 -8.76 -4.54 0.01
CA CYS A 168 -8.28 -4.75 -1.35
C CYS A 168 -7.70 -3.50 -1.99
N GLY A 169 -7.10 -3.71 -3.15
CA GLY A 169 -6.54 -2.63 -3.94
C GLY A 169 -7.74 -1.94 -4.56
N HIS A 170 -7.52 -0.84 -5.25
CA HIS A 170 -8.65 -0.11 -5.80
C HIS A 170 -8.29 0.84 -6.91
N GLY A 171 -9.29 1.20 -7.72
CA GLY A 171 -9.06 2.16 -8.78
C GLY A 171 -8.72 3.45 -8.05
N ILE A 172 -8.09 4.38 -8.74
CA ILE A 172 -7.70 5.63 -8.09
C ILE A 172 -7.52 6.74 -9.11
N GLY A 173 -7.80 7.97 -8.68
CA GLY A 173 -7.69 9.13 -9.55
C GLY A 173 -8.12 10.38 -8.79
N ARG A 174 -9.18 11.03 -9.25
CA ARG A 174 -9.67 12.22 -8.55
C ARG A 174 -10.35 11.72 -7.28
N GLY A 175 -10.66 10.42 -7.27
CA GLY A 175 -11.27 9.81 -6.11
C GLY A 175 -10.22 8.98 -5.42
N PHE A 176 -10.35 8.80 -4.11
CA PHE A 176 -9.40 8.01 -3.34
C PHE A 176 -9.61 6.54 -3.71
N HIS A 177 -10.82 6.03 -3.48
CA HIS A 177 -11.15 4.65 -3.81
C HIS A 177 -12.19 4.58 -4.92
N GLU A 178 -11.73 4.37 -6.15
CA GLU A 178 -12.65 4.27 -7.29
C GLU A 178 -12.73 2.82 -7.74
N GLU A 179 -13.57 2.55 -8.73
CA GLU A 179 -13.69 1.20 -9.26
C GLU A 179 -12.44 1.02 -10.13
N PRO A 180 -11.95 -0.21 -10.28
CA PRO A 180 -12.46 -1.47 -9.73
C PRO A 180 -11.83 -1.85 -8.38
N GLN A 181 -12.33 -2.95 -7.82
CA GLN A 181 -11.78 -3.47 -6.58
C GLN A 181 -10.70 -4.45 -7.05
N VAL A 182 -9.57 -4.43 -6.39
CA VAL A 182 -8.47 -5.30 -6.76
C VAL A 182 -8.20 -6.28 -5.61
N LEU A 183 -8.86 -7.43 -5.67
CA LEU A 183 -8.69 -8.44 -4.64
C LEU A 183 -7.33 -9.11 -4.75
N HIS A 184 -6.76 -9.51 -3.62
CA HIS A 184 -5.45 -10.15 -3.63
C HIS A 184 -5.59 -11.64 -3.42
N TYR A 185 -6.74 -12.18 -3.83
CA TYR A 185 -7.02 -13.60 -3.72
C TYR A 185 -8.01 -13.97 -4.81
N ASP A 186 -8.16 -15.27 -5.06
CA ASP A 186 -9.09 -15.72 -6.09
C ASP A 186 -10.53 -15.67 -5.64
N SER A 187 -11.36 -14.91 -6.36
CA SER A 187 -12.78 -14.79 -6.05
C SER A 187 -13.59 -15.05 -7.31
N ARG A 188 -14.68 -15.79 -7.14
CA ARG A 188 -15.54 -16.12 -8.27
C ARG A 188 -16.33 -14.89 -8.72
N GLU A 189 -16.29 -13.83 -7.93
CA GLU A 189 -17.00 -12.61 -8.26
C GLU A 189 -16.17 -11.70 -9.16
N THR A 190 -14.85 -11.84 -9.08
CA THR A 190 -13.94 -11.01 -9.86
C THR A 190 -13.90 -11.28 -11.37
N ASN A 191 -14.24 -10.24 -12.13
CA ASN A 191 -14.21 -10.32 -13.59
C ASN A 191 -13.93 -8.92 -14.15
N VAL A 192 -12.66 -8.58 -14.24
CA VAL A 192 -12.27 -7.28 -14.76
C VAL A 192 -11.06 -7.42 -15.68
N VAL A 193 -11.27 -7.16 -16.96
CA VAL A 193 -10.19 -7.25 -17.92
C VAL A 193 -9.51 -5.88 -17.99
N LEU A 194 -8.21 -5.87 -17.81
CA LEU A 194 -7.46 -4.61 -17.82
C LEU A 194 -7.42 -3.96 -19.19
N LYS A 195 -7.40 -2.63 -19.18
CA LYS A 195 -7.38 -1.81 -20.39
C LYS A 195 -6.37 -0.68 -20.18
N PRO A 196 -5.68 -0.25 -21.24
CA PRO A 196 -4.70 0.83 -21.10
C PRO A 196 -5.37 2.07 -20.50
N GLY A 197 -4.64 2.80 -19.66
CA GLY A 197 -5.20 4.01 -19.07
C GLY A 197 -5.84 3.81 -17.70
N MET A 198 -6.08 2.57 -17.31
CA MET A 198 -6.67 2.31 -16.01
C MET A 198 -5.62 2.55 -14.94
N THR A 199 -6.01 3.22 -13.86
CA THR A 199 -5.07 3.47 -12.78
C THR A 199 -5.65 2.90 -11.49
N PHE A 200 -4.89 2.03 -10.85
CA PHE A 200 -5.35 1.41 -9.62
C PHE A 200 -4.15 1.03 -8.75
N THR A 201 -4.44 0.53 -7.55
CA THR A 201 -3.42 0.11 -6.60
C THR A 201 -3.45 -1.39 -6.40
N ILE A 202 -2.32 -1.93 -5.97
CA ILE A 202 -2.19 -3.34 -5.63
C ILE A 202 -1.52 -3.18 -4.27
N GLU A 203 -2.14 -3.74 -3.23
CA GLU A 203 -1.65 -3.57 -1.87
C GLU A 203 -1.97 -4.76 -0.96
N PRO A 204 -1.41 -5.92 -1.27
CA PRO A 204 -1.64 -7.13 -0.47
C PRO A 204 -1.28 -7.03 1.00
N MET A 205 -2.21 -7.47 1.84
CA MET A 205 -2.03 -7.51 3.29
C MET A 205 -1.87 -9.00 3.59
N VAL A 206 -0.69 -9.36 4.10
CA VAL A 206 -0.35 -10.75 4.38
C VAL A 206 -0.10 -11.03 5.86
N ASN A 207 -0.75 -12.08 6.40
CA ASN A 207 -0.56 -12.44 7.79
C ASN A 207 0.36 -13.65 7.92
N ALA A 208 1.17 -13.69 8.98
CA ALA A 208 2.06 -14.82 9.20
C ALA A 208 1.19 -16.01 9.63
N GLY A 209 0.12 -15.71 10.35
CA GLY A 209 -0.79 -16.73 10.84
C GLY A 209 -2.06 -16.86 10.02
N LYS A 210 -3.21 -16.90 10.69
CA LYS A 210 -4.49 -17.03 10.00
C LYS A 210 -5.01 -15.71 9.40
N LYS A 211 -5.87 -15.82 8.40
CA LYS A 211 -6.41 -14.65 7.71
C LYS A 211 -7.40 -13.79 8.50
N GLU A 212 -8.08 -14.40 9.47
CA GLU A 212 -9.07 -13.66 10.26
C GLU A 212 -8.52 -12.42 10.96
N ILE A 213 -9.31 -11.35 10.95
CA ILE A 213 -8.91 -10.10 11.58
C ILE A 213 -9.91 -9.64 12.64
N ARG A 214 -9.50 -8.62 13.40
CA ARG A 214 -10.33 -8.03 14.46
C ARG A 214 -10.16 -6.51 14.44
N THR A 215 -11.25 -5.78 14.59
CA THR A 215 -11.17 -4.33 14.63
C THR A 215 -11.27 -3.92 16.09
N MET A 216 -10.43 -2.97 16.48
CA MET A 216 -10.43 -2.51 17.87
C MET A 216 -11.60 -1.60 18.17
N LYS A 217 -11.71 -1.15 19.41
CA LYS A 217 -12.82 -0.30 19.81
C LYS A 217 -12.60 1.20 19.60
N ASP A 218 -11.63 1.53 18.76
CA ASP A 218 -11.37 2.92 18.45
C ASP A 218 -11.99 3.16 17.08
N GLY A 219 -12.60 2.11 16.54
CA GLY A 219 -13.25 2.18 15.24
C GLY A 219 -12.35 2.23 14.02
N TRP A 220 -11.05 2.02 14.22
CA TRP A 220 -10.11 2.08 13.09
C TRP A 220 -9.08 0.96 13.06
N THR A 221 -8.32 0.83 14.14
CA THR A 221 -7.28 -0.18 14.21
C THR A 221 -7.78 -1.60 13.95
N VAL A 222 -7.04 -2.30 13.09
CA VAL A 222 -7.35 -3.68 12.73
C VAL A 222 -6.16 -4.55 13.07
N LYS A 223 -6.42 -5.69 13.70
CA LYS A 223 -5.35 -6.62 14.08
C LYS A 223 -5.70 -8.00 13.57
N THR A 224 -4.71 -8.88 13.58
CA THR A 224 -4.93 -10.26 13.18
C THR A 224 -5.66 -10.87 14.39
N LYS A 225 -6.61 -11.76 14.13
CA LYS A 225 -7.35 -12.37 15.22
C LYS A 225 -6.44 -13.17 16.15
N ASP A 226 -5.52 -13.93 15.56
CA ASP A 226 -4.58 -14.73 16.33
C ASP A 226 -3.36 -13.95 16.78
N ARG A 227 -3.37 -12.65 16.50
CA ARG A 227 -2.27 -11.76 16.87
C ARG A 227 -0.92 -12.08 16.23
N SER A 228 -0.95 -12.70 15.04
CA SER A 228 0.27 -13.01 14.33
C SER A 228 0.73 -11.75 13.58
N LEU A 229 1.96 -11.74 13.10
CA LEU A 229 2.47 -10.58 12.38
C LEU A 229 1.74 -10.41 11.05
N SER A 230 1.63 -9.16 10.59
CA SER A 230 0.96 -8.87 9.31
C SER A 230 1.79 -7.82 8.56
N ALA A 231 1.93 -7.96 7.26
CA ALA A 231 2.73 -7.00 6.49
C ALA A 231 1.98 -6.56 5.22
N GLN A 232 2.33 -5.38 4.73
CA GLN A 232 1.71 -4.85 3.52
C GLN A 232 2.64 -3.90 2.75
N TYR A 233 2.56 -3.96 1.43
CA TYR A 233 3.30 -3.09 0.53
C TYR A 233 2.28 -2.64 -0.51
N GLU A 234 2.41 -1.42 -1.00
CA GLU A 234 1.47 -0.90 -1.99
C GLU A 234 2.09 0.02 -3.02
N HIS A 235 1.59 -0.05 -4.25
CA HIS A 235 2.02 0.85 -5.31
C HIS A 235 0.82 1.25 -6.13
N THR A 236 0.86 2.47 -6.67
CA THR A 236 -0.20 2.96 -7.55
C THR A 236 0.36 2.82 -8.95
N ILE A 237 -0.42 2.26 -9.86
CA ILE A 237 0.06 2.05 -11.22
C ILE A 237 -0.93 2.48 -12.29
N VAL A 238 -0.42 2.59 -13.51
CA VAL A 238 -1.25 2.92 -14.67
C VAL A 238 -0.96 1.83 -15.68
N VAL A 239 -2.01 1.26 -16.26
CA VAL A 239 -1.82 0.20 -17.25
C VAL A 239 -1.42 0.87 -18.56
N THR A 240 -0.36 0.37 -19.17
CA THR A 240 0.14 0.92 -20.43
C THR A 240 -0.36 0.06 -21.59
N ASP A 241 0.09 0.36 -22.81
CA ASP A 241 -0.34 -0.39 -23.97
C ASP A 241 -0.03 -1.89 -23.89
N ASN A 242 1.07 -2.23 -23.23
CA ASN A 242 1.46 -3.64 -23.11
C ASN A 242 2.22 -3.93 -21.81
N GLY A 243 1.74 -3.34 -20.72
CA GLY A 243 2.37 -3.54 -19.43
C GLY A 243 1.81 -2.52 -18.46
N CYS A 244 2.70 -1.90 -17.69
CA CYS A 244 2.26 -0.88 -16.74
C CYS A 244 3.42 0.01 -16.32
N GLU A 245 3.08 1.08 -15.60
CA GLU A 245 4.07 2.02 -15.11
C GLU A 245 3.77 2.23 -13.63
N ILE A 246 4.78 2.05 -12.79
CA ILE A 246 4.61 2.24 -11.35
C ILE A 246 4.80 3.72 -11.06
N LEU A 247 3.74 4.37 -10.59
CA LEU A 247 3.77 5.80 -10.31
C LEU A 247 4.34 6.18 -8.95
N THR A 248 4.41 5.21 -8.05
CA THR A 248 4.90 5.45 -6.69
C THR A 248 6.24 4.75 -6.39
N LEU A 249 7.04 4.52 -7.42
CA LEU A 249 8.33 3.84 -7.24
C LEU A 249 9.31 4.63 -6.36
N ARG A 250 10.06 3.92 -5.52
CA ARG A 250 11.04 4.53 -4.63
C ARG A 250 12.46 4.09 -4.99
N LYS A 251 13.44 4.76 -4.39
CA LYS A 251 14.83 4.43 -4.64
C LYS A 251 15.16 3.02 -4.16
N ASP A 252 14.48 2.57 -3.10
CA ASP A 252 14.75 1.24 -2.55
C ASP A 252 13.98 0.11 -3.23
N ASP A 253 13.08 0.45 -4.14
CA ASP A 253 12.32 -0.55 -4.87
C ASP A 253 13.28 -1.33 -5.75
N THR A 254 13.13 -2.65 -5.80
CA THR A 254 14.00 -3.49 -6.61
C THR A 254 13.25 -4.00 -7.83
N ILE A 255 12.46 -3.12 -8.43
CA ILE A 255 11.69 -3.40 -9.63
C ILE A 255 11.66 -2.12 -10.46
N PRO A 256 11.70 -2.23 -11.79
CA PRO A 256 11.69 -1.08 -12.69
C PRO A 256 10.39 -0.28 -12.68
N ALA A 257 10.49 1.01 -12.96
CA ALA A 257 9.32 1.87 -13.01
C ALA A 257 8.41 1.44 -14.15
N ILE A 258 9.02 1.21 -15.31
CA ILE A 258 8.28 0.78 -16.49
C ILE A 258 8.45 -0.73 -16.67
N ILE A 259 7.33 -1.44 -16.74
CA ILE A 259 7.35 -2.89 -16.93
C ILE A 259 6.68 -3.19 -18.26
N SER A 260 7.48 -3.38 -19.30
CA SER A 260 6.93 -3.66 -20.62
C SER A 260 6.99 -5.14 -20.94
N HIS A 261 6.03 -5.61 -21.74
CA HIS A 261 5.97 -7.02 -22.12
C HIS A 261 6.24 -7.21 -23.61
N ASP A 262 6.66 -6.15 -24.28
CA ASP A 262 6.95 -6.24 -25.70
C ASP A 262 7.94 -7.38 -25.94
#